data_2VQ5
#
_entry.id   2VQ5
#
_cell.length_a   86.474
_cell.length_b   86.474
_cell.length_c   117.977
_cell.angle_alpha   90.00
_cell.angle_beta   90.00
_cell.angle_gamma   120.00
#
_symmetry.space_group_name_H-M   'P 31 2 1'
#
loop_
_entity.id
_entity.type
_entity.pdbx_description
1 polymer 'S-NORCOCLAURINE SYNTHASE'
2 non-polymer 'ACETATE ION'
3 non-polymer 'CHLORIDE ION'
4 non-polymer P-HYDROXYBENZALDEHYDE
5 non-polymer L-DOPAMINE
6 water water
#
_entity_poly.entity_id   1
_entity_poly.type   'polypeptide(L)'
_entity_poly.pdbx_seq_one_letter_code
;(MSE)TGSQKLILTGRPFLHHQGIINQVSTVTKVIHHELEVAASADDIWTVYSWPGLAKHLPDLLPGAFEKLEIIGDGGV
GTILD(MSE)TFVPGEFPHEYKEKFILVDNEHRLKKVQ(MSE)IEGGYLDLGVTYY(MSE)DTIHVVPTGKDSCVIKSST
EYHVKPEFVKIVEPLITTGPLAA(MSE)ADAISKLVLEHKSKSNSDEIEAAIITVHHHHHH
;
_entity_poly.pdbx_strand_id   A,B
#
# COMPACT_ATOMS: atom_id res chain seq x y z
N SER A 4 -14.61 -13.46 -18.51
CA SER A 4 -15.52 -14.08 -17.50
C SER A 4 -16.18 -13.05 -16.56
N GLN A 5 -17.11 -13.55 -15.75
CA GLN A 5 -17.96 -12.71 -14.90
C GLN A 5 -17.21 -11.90 -13.83
N LYS A 6 -17.56 -10.62 -13.73
CA LYS A 6 -16.99 -9.75 -12.72
C LYS A 6 -18.10 -9.24 -11.81
N LEU A 7 -17.99 -9.59 -10.54
CA LEU A 7 -18.95 -9.17 -9.55
C LEU A 7 -18.21 -8.39 -8.47
N ILE A 8 -18.68 -7.17 -8.20
CA ILE A 8 -18.09 -6.31 -7.18
C ILE A 8 -19.09 -6.08 -6.04
N LEU A 9 -18.66 -6.41 -4.82
CA LEU A 9 -19.50 -6.24 -3.66
C LEU A 9 -18.91 -5.16 -2.75
N THR A 10 -19.65 -4.07 -2.63
CA THR A 10 -19.17 -2.92 -1.88
C THR A 10 -20.15 -2.67 -0.72
N GLY A 11 -19.69 -2.95 0.49
CA GLY A 11 -20.52 -2.69 1.67
C GLY A 11 -20.62 -1.20 1.92
N ARG A 12 -21.18 -0.84 3.06
CA ARG A 12 -21.06 0.53 3.58
C ARG A 12 -20.87 0.46 5.09
N GLY A 19 -10.97 6.13 18.07
CA GLY A 19 -10.27 6.60 19.25
C GLY A 19 -9.80 8.03 19.09
N ILE A 20 -10.48 8.95 19.78
CA ILE A 20 -10.27 10.40 19.64
C ILE A 20 -8.91 10.90 20.16
N ILE A 21 -8.27 10.11 21.04
CA ILE A 21 -6.91 10.37 21.53
C ILE A 21 -5.90 9.48 20.78
N ASN A 22 -6.34 8.25 20.47
CA ASN A 22 -5.54 7.28 19.70
C ASN A 22 -5.04 7.83 18.35
N GLN A 23 -5.89 8.60 17.67
CA GLN A 23 -5.56 9.14 16.34
C GLN A 23 -4.53 10.27 16.36
N VAL A 24 -4.36 10.91 17.52
CA VAL A 24 -3.29 11.92 17.68
C VAL A 24 -2.16 11.43 18.59
N SER A 25 -2.19 10.15 18.94
CA SER A 25 -1.12 9.56 19.74
C SER A 25 0.06 9.20 18.82
N THR A 26 0.73 10.25 18.35
CA THR A 26 1.81 10.10 17.38
C THR A 26 3.09 10.77 17.84
N VAL A 27 4.19 10.38 17.20
CA VAL A 27 5.43 11.14 17.27
C VAL A 27 5.68 11.88 15.91
N THR A 28 6.25 13.08 15.98
CA THR A 28 6.57 13.89 14.80
C THR A 28 8.00 13.62 14.34
N LYS A 29 8.17 13.31 13.06
CA LYS A 29 9.50 13.15 12.45
C LYS A 29 9.66 14.15 11.32
N VAL A 30 10.85 14.75 11.22
CA VAL A 30 11.17 15.63 10.09
C VAL A 30 12.41 15.11 9.40
N ILE A 31 12.33 14.93 8.09
CA ILE A 31 13.52 14.64 7.29
C ILE A 31 13.77 15.77 6.31
N HIS A 32 15.02 16.22 6.25
CA HIS A 32 15.40 17.38 5.46
C HIS A 32 16.28 16.95 4.31
N HIS A 33 16.07 17.57 3.16
CA HIS A 33 16.96 17.43 2.02
C HIS A 33 17.30 18.81 1.52
N GLU A 34 18.55 19.00 1.12
CA GLU A 34 18.98 20.26 0.55
C GLU A 34 19.84 19.99 -0.66
N LEU A 35 19.52 20.65 -1.77
CA LEU A 35 20.30 20.58 -2.99
C LEU A 35 20.71 22.01 -3.26
N GLU A 36 22.01 22.30 -3.13
CA GLU A 36 22.51 23.61 -3.52
C GLU A 36 22.98 23.52 -4.96
N VAL A 37 22.51 24.44 -5.80
CA VAL A 37 22.73 24.35 -7.23
C VAL A 37 23.17 25.68 -7.83
N ALA A 38 23.92 25.63 -8.93
CA ALA A 38 24.45 26.82 -9.59
C ALA A 38 23.44 27.46 -10.55
N ALA A 39 22.24 27.74 -10.01
CA ALA A 39 21.19 28.47 -10.72
C ALA A 39 20.52 29.40 -9.72
N SER A 40 19.89 30.45 -10.23
CA SER A 40 19.20 31.42 -9.39
C SER A 40 17.97 30.83 -8.68
N ALA A 41 17.68 31.30 -7.47
CA ALA A 41 16.41 30.99 -6.79
C ALA A 41 15.22 31.27 -7.71
N ASP A 42 15.27 32.42 -8.41
CA ASP A 42 14.20 32.80 -9.32
C ASP A 42 13.98 31.77 -10.42
N ASP A 43 15.07 31.34 -11.06
CA ASP A 43 14.97 30.34 -12.13
C ASP A 43 14.41 28.98 -11.63
N ILE A 44 14.87 28.56 -10.46
CA ILE A 44 14.42 27.30 -9.89
C ILE A 44 12.95 27.41 -9.44
N TRP A 45 12.61 28.50 -8.76
CA TRP A 45 11.23 28.73 -8.31
C TRP A 45 10.21 28.77 -9.44
N THR A 46 10.54 29.38 -10.58
CA THR A 46 9.58 29.51 -11.68
C THR A 46 9.14 28.15 -12.24
N VAL A 47 10.03 27.17 -12.15
CA VAL A 47 9.65 25.81 -12.55
C VAL A 47 8.72 25.22 -11.49
N TYR A 48 9.12 25.33 -10.23
CA TYR A 48 8.34 24.78 -9.12
C TYR A 48 6.94 25.36 -9.02
N SER A 49 6.82 26.66 -9.26
CA SER A 49 5.54 27.34 -9.13
C SER A 49 4.74 27.36 -10.42
N TRP A 50 5.27 26.74 -11.48
CA TRP A 50 4.60 26.68 -12.78
C TRP A 50 3.37 25.77 -12.70
N PRO A 51 2.16 26.32 -12.94
CA PRO A 51 0.93 25.50 -12.88
C PRO A 51 0.95 24.35 -13.88
N GLY A 52 1.65 24.51 -15.00
CA GLY A 52 1.82 23.42 -15.96
C GLY A 52 2.77 22.31 -15.55
N LEU A 53 3.45 22.45 -14.41
CA LEU A 53 4.43 21.43 -13.99
C LEU A 53 3.82 20.05 -13.78
N ALA A 54 2.68 20.00 -13.09
CA ALA A 54 2.02 18.72 -12.77
C ALA A 54 1.82 17.82 -13.99
N LYS A 55 1.23 18.36 -15.06
CA LYS A 55 1.00 17.57 -16.28
C LYS A 55 2.28 17.16 -17.02
N HIS A 56 3.41 17.76 -16.63
CA HIS A 56 4.70 17.44 -17.23
C HIS A 56 5.60 16.57 -16.34
N LEU A 57 5.08 16.13 -15.19
CA LEU A 57 5.83 15.22 -14.33
C LEU A 57 6.29 13.92 -14.99
N PRO A 58 5.45 13.31 -15.86
CA PRO A 58 5.91 12.11 -16.59
C PRO A 58 7.05 12.40 -17.56
N ASP A 59 7.12 13.64 -18.06
CA ASP A 59 8.23 14.10 -18.90
C ASP A 59 9.44 14.40 -18.03
N LEU A 60 9.23 15.15 -16.95
CA LEU A 60 10.28 15.48 -15.99
C LEU A 60 10.91 14.24 -15.33
N LEU A 61 10.06 13.27 -14.98
CA LEU A 61 10.50 12.05 -14.31
C LEU A 61 10.03 10.81 -15.08
N PRO A 62 10.70 10.49 -16.20
CA PRO A 62 10.27 9.37 -17.04
C PRO A 62 10.36 8.02 -16.32
N GLY A 63 9.36 7.16 -16.50
CA GLY A 63 9.36 5.87 -15.82
C GLY A 63 9.10 5.91 -14.32
N ALA A 64 8.69 7.07 -13.79
CA ALA A 64 8.34 7.15 -12.38
C ALA A 64 6.93 6.65 -12.12
N PHE A 65 6.01 6.94 -13.04
CA PHE A 65 4.59 6.66 -12.86
C PHE A 65 4.06 5.63 -13.82
N GLU A 66 3.19 4.78 -13.31
CA GLU A 66 2.39 3.88 -14.11
C GLU A 66 1.15 4.65 -14.60
N LYS A 67 0.68 5.58 -13.77
CA LYS A 67 -0.48 6.39 -14.06
C LYS A 67 -0.43 7.64 -13.20
N LEU A 68 -0.83 8.77 -13.78
CA LEU A 68 -0.89 10.02 -13.05
C LEU A 68 -2.17 10.75 -13.40
N GLU A 69 -2.92 11.12 -12.36
CA GLU A 69 -4.15 11.87 -12.53
C GLU A 69 -3.99 13.21 -11.89
N ILE A 70 -4.32 14.25 -12.64
CA ILE A 70 -4.27 15.60 -12.15
C ILE A 70 -5.69 16.14 -12.07
N ILE A 71 -6.11 16.49 -10.85
CA ILE A 71 -7.45 17.05 -10.63
C ILE A 71 -7.33 18.52 -10.30
N GLY A 72 -7.70 19.37 -11.26
CA GLY A 72 -7.60 20.82 -11.08
C GLY A 72 -6.65 21.44 -12.07
N ASP A 73 -6.34 22.72 -11.84
CA ASP A 73 -5.62 23.53 -12.82
C ASP A 73 -4.09 23.58 -12.66
N GLY A 74 -3.55 22.86 -11.68
CA GLY A 74 -2.12 22.89 -11.40
C GLY A 74 -1.72 23.87 -10.31
N GLY A 75 -2.66 24.72 -9.89
CA GLY A 75 -2.41 25.70 -8.83
C GLY A 75 -2.74 25.13 -7.47
N VAL A 76 -2.83 26.00 -6.47
CA VAL A 76 -3.23 25.57 -5.13
C VAL A 76 -4.62 24.93 -5.18
N GLY A 77 -4.81 23.85 -4.42
CA GLY A 77 -6.05 23.09 -4.47
C GLY A 77 -5.96 21.84 -5.35
N THR A 78 -5.05 21.84 -6.32
CA THR A 78 -4.83 20.68 -7.22
C THR A 78 -4.53 19.40 -6.45
N ILE A 79 -5.18 18.31 -6.85
CA ILE A 79 -4.90 16.99 -6.28
C ILE A 79 -4.20 16.13 -7.33
N LEU A 80 -3.09 15.50 -6.94
CA LEU A 80 -2.40 14.53 -7.81
C LEU A 80 -2.58 13.12 -7.28
N ASP A 81 -3.16 12.26 -8.12
CA ASP A 81 -3.31 10.86 -7.79
C ASP A 81 -2.21 10.12 -8.56
N THR A 83 0.00 6.67 -9.28
CA THR A 83 0.11 5.22 -9.22
C THR A 83 1.47 4.80 -9.79
N PHE A 84 2.16 3.96 -9.02
CA PHE A 84 3.50 3.56 -9.35
C PHE A 84 3.52 2.14 -9.88
N VAL A 85 4.55 1.80 -10.65
CA VAL A 85 4.65 0.46 -11.25
C VAL A 85 4.67 -0.63 -10.17
N PRO A 86 4.11 -1.82 -10.50
CA PRO A 86 4.15 -3.01 -9.66
C PRO A 86 5.50 -3.26 -8.97
N GLY A 87 5.45 -3.71 -7.72
CA GLY A 87 6.66 -3.92 -6.93
C GLY A 87 7.13 -2.74 -6.11
N GLU A 88 6.80 -1.52 -6.54
CA GLU A 88 7.22 -0.31 -5.84
C GLU A 88 6.29 0.02 -4.66
N PHE A 89 6.86 0.46 -3.53
CA PHE A 89 6.05 0.97 -2.42
C PHE A 89 6.15 2.48 -2.37
N PRO A 90 5.13 3.11 -1.77
CA PRO A 90 3.79 3.40 -2.21
C PRO A 90 3.47 2.89 -3.62
N HIS A 91 2.43 2.07 -3.69
CA HIS A 91 1.82 1.75 -4.97
C HIS A 91 0.94 2.92 -5.45
N GLU A 92 0.21 3.55 -4.53
CA GLU A 92 -0.69 4.67 -4.87
C GLU A 92 -0.94 5.62 -3.71
N TYR A 93 -0.99 6.91 -4.04
CA TYR A 93 -1.42 7.93 -3.09
C TYR A 93 -1.86 9.18 -3.81
N LYS A 94 -2.61 10.01 -3.06
CA LYS A 94 -3.06 11.33 -3.49
C LYS A 94 -2.35 12.40 -2.69
N GLU A 95 -1.95 13.46 -3.40
CA GLU A 95 -1.31 14.63 -2.79
C GLU A 95 -2.07 15.86 -3.21
N LYS A 96 -2.01 16.89 -2.37
CA LYS A 96 -2.76 18.11 -2.62
C LYS A 96 -1.84 19.33 -2.50
N PHE A 97 -1.91 20.22 -3.49
CA PHE A 97 -1.17 21.49 -3.41
C PHE A 97 -1.84 22.41 -2.38
N ILE A 98 -1.15 22.62 -1.27
CA ILE A 98 -1.65 23.36 -0.11
C ILE A 98 -1.25 24.84 -0.19
N LEU A 99 0.01 25.10 -0.57
CA LEU A 99 0.53 26.47 -0.61
C LEU A 99 1.51 26.64 -1.77
N VAL A 100 1.34 27.71 -2.53
CA VAL A 100 2.30 28.14 -3.53
C VAL A 100 2.56 29.63 -3.25
N ASP A 101 3.57 29.89 -2.43
CA ASP A 101 3.83 31.22 -1.93
C ASP A 101 5.01 31.86 -2.69
N ASN A 102 4.68 32.70 -3.67
CA ASN A 102 5.68 33.36 -4.52
C ASN A 102 6.70 34.26 -3.81
N GLU A 103 6.27 34.95 -2.76
CA GLU A 103 7.09 35.91 -2.01
C GLU A 103 8.22 35.23 -1.27
N HIS A 104 7.93 34.07 -0.69
CA HIS A 104 8.93 33.35 0.09
C HIS A 104 9.58 32.21 -0.70
N ARG A 105 9.11 31.97 -1.92
CA ARG A 105 9.50 30.79 -2.72
C ARG A 105 9.26 29.50 -1.92
N LEU A 106 8.03 29.36 -1.43
CA LEU A 106 7.66 28.29 -0.52
C LEU A 106 6.47 27.52 -1.08
N LYS A 107 6.64 26.21 -1.24
CA LYS A 107 5.58 25.33 -1.75
C LYS A 107 5.27 24.24 -0.75
N LYS A 108 3.98 24.02 -0.49
CA LYS A 108 3.57 22.91 0.39
C LYS A 108 2.65 21.91 -0.31
N VAL A 109 2.94 20.64 -0.12
CA VAL A 109 2.24 19.55 -0.77
C VAL A 109 1.91 18.50 0.27
N GLN A 110 0.64 18.16 0.43
CA GLN A 110 0.24 17.26 1.49
C GLN A 110 -0.22 15.92 0.95
N ILE A 112 -2.67 13.14 1.15
CA ILE A 112 -4.02 13.16 1.74
C ILE A 112 -4.73 11.82 1.80
N GLU A 113 -4.29 10.86 0.99
CA GLU A 113 -4.88 9.51 0.98
C GLU A 113 -3.86 8.50 0.45
N GLY A 114 -3.88 7.29 1.00
CA GLY A 114 -3.04 6.18 0.53
C GLY A 114 -1.60 6.24 0.99
N GLY A 115 -0.73 5.44 0.38
CA GLY A 115 0.68 5.38 0.75
C GLY A 115 0.91 5.17 2.25
N TYR A 116 1.78 5.99 2.83
CA TYR A 116 2.15 5.88 4.25
C TYR A 116 0.99 6.07 5.23
N LEU A 117 -0.08 6.71 4.80
CA LEU A 117 -1.27 6.91 5.64
C LEU A 117 -2.00 5.61 5.97
N ASP A 118 -1.61 4.52 5.30
CA ASP A 118 -2.16 3.20 5.58
C ASP A 118 -1.20 2.39 6.43
N LEU A 119 -0.06 2.98 6.75
CA LEU A 119 0.99 2.31 7.51
C LEU A 119 1.31 3.09 8.80
N GLY A 120 0.29 3.61 9.47
CA GLY A 120 0.46 4.23 10.77
C GLY A 120 0.73 5.73 10.80
N VAL A 121 0.77 6.35 9.62
CA VAL A 121 1.05 7.77 9.49
C VAL A 121 -0.27 8.52 9.43
N THR A 122 -0.41 9.56 10.24
CA THR A 122 -1.66 10.31 10.31
C THR A 122 -1.58 11.64 9.60
N TYR A 123 -0.36 12.04 9.26
CA TYR A 123 -0.11 13.36 8.68
C TYR A 123 1.23 13.33 7.95
N TYR A 124 1.26 13.93 6.76
CA TYR A 124 2.43 13.88 5.90
C TYR A 124 2.41 15.13 5.04
N ASP A 126 4.92 17.78 2.72
CA ASP A 126 6.17 18.18 2.09
C ASP A 126 6.23 19.68 1.97
N THR A 127 7.39 20.24 2.27
CA THR A 127 7.62 21.67 2.10
C THR A 127 8.87 21.84 1.25
N ILE A 128 8.77 22.69 0.23
CA ILE A 128 9.91 23.06 -0.61
C ILE A 128 10.11 24.55 -0.48
N HIS A 129 11.32 24.96 -0.04
CA HIS A 129 11.69 26.37 0.08
C HIS A 129 12.96 26.62 -0.74
N VAL A 130 12.85 27.48 -1.76
CA VAL A 130 14.01 27.80 -2.60
C VAL A 130 14.65 29.10 -2.09
N VAL A 131 15.87 28.98 -1.57
CA VAL A 131 16.57 30.09 -0.90
C VAL A 131 17.86 30.52 -1.65
N PRO A 132 17.95 31.82 -2.01
CA PRO A 132 19.17 32.36 -2.64
C PRO A 132 20.40 32.15 -1.79
N THR A 133 21.51 31.77 -2.41
CA THR A 133 22.81 31.72 -1.71
C THR A 133 23.82 32.63 -2.40
N GLY A 134 23.31 33.49 -3.27
CA GLY A 134 24.12 34.26 -4.19
C GLY A 134 23.33 34.62 -5.44
N LYS A 135 23.95 35.42 -6.31
CA LYS A 135 23.26 35.95 -7.48
C LYS A 135 22.83 34.87 -8.48
N ASP A 136 23.63 33.81 -8.61
N ASP A 136 23.63 33.82 -8.61
CA ASP A 136 23.33 32.73 -9.54
CA ASP A 136 23.35 32.73 -9.54
C ASP A 136 23.37 31.35 -8.87
C ASP A 136 23.37 31.35 -8.87
N SER A 137 23.08 31.31 -7.57
CA SER A 137 23.05 30.04 -6.84
C SER A 137 21.94 30.08 -5.79
N CYS A 138 21.42 28.89 -5.43
CA CYS A 138 20.38 28.76 -4.40
C CYS A 138 20.42 27.38 -3.75
N VAL A 139 19.78 27.25 -2.58
CA VAL A 139 19.47 25.93 -2.00
C VAL A 139 17.99 25.62 -2.17
N ILE A 140 17.72 24.42 -2.67
CA ILE A 140 16.37 23.88 -2.64
C ILE A 140 16.27 23.07 -1.34
N LYS A 141 15.58 23.64 -0.35
CA LYS A 141 15.36 22.95 0.91
C LYS A 141 14.02 22.22 0.82
N SER A 142 14.08 20.89 0.70
CA SER A 142 12.88 20.06 0.61
C SER A 142 12.79 19.27 1.90
N SER A 143 11.68 19.40 2.63
CA SER A 143 11.51 18.60 3.83
C SER A 143 10.15 17.90 3.93
N THR A 144 10.14 16.79 4.66
CA THR A 144 8.94 16.02 4.88
C THR A 144 8.70 15.96 6.38
N GLU A 145 7.58 16.51 6.84
CA GLU A 145 7.15 16.32 8.23
C GLU A 145 6.02 15.31 8.26
N TYR A 146 6.20 14.22 9.01
CA TYR A 146 5.11 13.27 9.19
C TYR A 146 4.88 12.93 10.65
N HIS A 147 3.63 12.61 10.99
CA HIS A 147 3.28 12.13 12.32
C HIS A 147 2.88 10.65 12.23
N VAL A 148 3.56 9.83 13.03
CA VAL A 148 3.33 8.38 13.07
C VAL A 148 3.03 7.89 14.46
N LYS A 149 2.15 6.91 14.54
CA LYS A 149 1.98 6.11 15.74
C LYS A 149 3.32 5.42 16.04
N PRO A 150 3.84 5.62 17.27
CA PRO A 150 5.20 5.21 17.65
C PRO A 150 5.58 3.77 17.33
N GLU A 151 4.57 2.91 17.27
CA GLU A 151 4.80 1.49 17.04
C GLU A 151 4.85 1.10 15.56
N PHE A 152 4.85 2.09 14.68
CA PHE A 152 5.07 1.90 13.24
C PHE A 152 6.35 2.60 12.80
N VAL A 153 7.05 3.24 13.73
CA VAL A 153 8.31 3.91 13.38
C VAL A 153 9.32 2.92 12.81
N LYS A 154 9.39 1.71 13.39
CA LYS A 154 10.28 0.66 12.90
C LYS A 154 9.93 0.28 11.47
N ILE A 155 8.64 0.10 11.21
CA ILE A 155 8.13 -0.26 9.88
C ILE A 155 8.40 0.80 8.83
N VAL A 156 7.97 2.04 9.13
CA VAL A 156 7.75 3.05 8.10
C VAL A 156 8.94 3.97 7.84
N GLU A 157 9.84 4.13 8.81
CA GLU A 157 11.02 5.02 8.65
C GLU A 157 11.95 4.62 7.49
N PRO A 158 12.27 3.31 7.37
CA PRO A 158 13.09 2.86 6.24
C PRO A 158 12.44 3.14 4.89
N LEU A 159 11.10 3.18 4.87
CA LEU A 159 10.35 3.41 3.63
C LEU A 159 10.28 4.89 3.29
N ILE A 160 10.00 5.74 4.29
CA ILE A 160 9.95 7.18 4.06
C ILE A 160 11.38 7.73 3.96
N THR A 161 11.71 8.21 2.78
CA THR A 161 13.00 8.83 2.50
C THR A 161 12.73 10.17 1.81
N THR A 162 13.78 10.97 1.58
CA THR A 162 13.59 12.22 0.83
C THR A 162 13.69 11.97 -0.69
N GLY A 163 13.71 10.69 -1.07
CA GLY A 163 13.79 10.23 -2.46
C GLY A 163 13.01 11.00 -3.51
N PRO A 164 11.65 11.03 -3.39
CA PRO A 164 10.84 11.75 -4.39
C PRO A 164 11.09 13.26 -4.41
N LEU A 165 11.27 13.85 -3.24
CA LEU A 165 11.62 15.28 -3.16
C LEU A 165 13.02 15.55 -3.74
N ALA A 166 13.96 14.65 -3.46
CA ALA A 166 15.30 14.79 -4.01
C ALA A 166 15.29 14.57 -5.52
N ALA A 167 14.52 13.58 -5.99
CA ALA A 167 14.36 13.33 -7.42
C ALA A 167 13.80 14.55 -8.13
N ALA A 169 13.92 17.78 -7.02
CA ALA A 169 14.95 18.83 -6.95
C ALA A 169 16.02 18.64 -8.04
N ASP A 170 16.54 17.42 -8.18
CA ASP A 170 17.55 17.14 -9.17
C ASP A 170 17.04 17.33 -10.61
N ALA A 171 15.84 16.81 -10.90
CA ALA A 171 15.27 16.90 -12.24
C ALA A 171 15.00 18.34 -12.68
N ILE A 172 14.49 19.15 -11.76
CA ILE A 172 14.22 20.56 -12.03
C ILE A 172 15.53 21.32 -12.24
N SER A 173 16.50 21.08 -11.35
CA SER A 173 17.86 21.61 -11.47
C SER A 173 18.50 21.28 -12.82
N LYS A 174 18.42 20.00 -13.23
CA LYS A 174 18.90 19.59 -14.56
C LYS A 174 18.27 20.41 -15.68
N LEU A 175 16.95 20.48 -15.71
CA LEU A 175 16.23 21.33 -16.66
C LEU A 175 16.79 22.74 -16.75
N VAL A 176 16.92 23.39 -15.58
CA VAL A 176 17.38 24.78 -15.53
C VAL A 176 18.86 24.91 -15.92
N LEU A 177 19.72 24.08 -15.34
CA LEU A 177 21.16 24.13 -15.64
C LEU A 177 21.46 23.85 -17.10
N GLU A 178 20.70 22.96 -17.75
CA GLU A 178 20.60 22.92 -19.21
C GLU A 178 19.88 24.19 -19.70
N HIS A 179 20.61 25.30 -19.63
CA HIS A 179 20.05 26.66 -19.78
C HIS A 179 19.07 26.86 -20.94
N LYS A 180 17.79 26.64 -20.66
CA LYS A 180 16.69 27.05 -21.56
C LYS A 180 16.28 28.46 -21.11
N SER A 181 15.14 28.95 -21.57
CA SER A 181 14.72 30.31 -21.19
C SER A 181 13.31 30.44 -20.59
N LYS A 182 12.92 31.69 -20.35
CA LYS A 182 11.55 32.04 -19.99
C LYS A 182 10.64 31.97 -21.20
N SER B 25 17.90 -13.42 -4.62
CA SER B 25 18.05 -14.14 -3.32
C SER B 25 16.91 -13.74 -2.39
N THR B 26 16.22 -14.74 -1.84
CA THR B 26 15.14 -14.48 -0.90
C THR B 26 15.22 -15.39 0.30
N VAL B 27 14.71 -14.92 1.42
CA VAL B 27 14.56 -15.71 2.63
C VAL B 27 13.15 -16.31 2.60
N THR B 28 13.01 -17.54 3.09
CA THR B 28 11.71 -18.19 3.14
C THR B 28 11.14 -18.16 4.55
N LYS B 29 9.90 -17.72 4.67
CA LYS B 29 9.22 -17.66 5.93
C LYS B 29 7.90 -18.42 5.87
N VAL B 30 7.64 -19.22 6.89
CA VAL B 30 6.38 -19.98 6.97
C VAL B 30 5.74 -19.74 8.34
N ILE B 31 4.47 -19.33 8.34
CA ILE B 31 3.73 -19.09 9.58
C ILE B 31 2.47 -19.96 9.61
N HIS B 32 2.06 -20.37 10.81
CA HIS B 32 0.99 -21.36 10.96
C HIS B 32 -0.08 -20.93 11.95
N HIS B 33 -1.27 -21.46 11.77
CA HIS B 33 -2.37 -21.28 12.70
C HIS B 33 -3.17 -22.56 12.64
N GLU B 34 -3.67 -22.99 13.79
CA GLU B 34 -4.51 -24.18 13.89
C GLU B 34 -5.77 -23.83 14.65
N LEU B 35 -6.89 -24.43 14.27
CA LEU B 35 -8.15 -24.22 14.98
C LEU B 35 -8.92 -25.53 15.08
N GLU B 36 -9.15 -25.98 16.31
CA GLU B 36 -9.95 -27.19 16.58
C GLU B 36 -11.45 -26.89 16.47
N VAL B 37 -12.18 -27.81 15.85
CA VAL B 37 -13.60 -27.61 15.56
C VAL B 37 -14.37 -28.88 15.92
N ALA B 38 -15.46 -28.72 16.67
CA ALA B 38 -16.34 -29.84 17.03
C ALA B 38 -17.32 -30.18 15.91
N ALA B 39 -16.79 -30.30 14.69
CA ALA B 39 -17.54 -30.76 13.52
C ALA B 39 -16.64 -31.66 12.68
N SER B 40 -17.22 -32.47 11.81
CA SER B 40 -16.43 -33.35 10.93
C SER B 40 -15.60 -32.54 9.94
N ALA B 41 -14.43 -33.06 9.58
CA ALA B 41 -13.58 -32.45 8.54
C ALA B 41 -14.35 -32.24 7.24
N ASP B 42 -15.26 -33.16 6.92
CA ASP B 42 -16.09 -33.06 5.72
C ASP B 42 -17.09 -31.90 5.79
N ASP B 43 -17.60 -31.63 6.98
CA ASP B 43 -18.56 -30.54 7.13
C ASP B 43 -17.89 -29.17 7.05
N ILE B 44 -16.66 -29.09 7.55
CA ILE B 44 -15.86 -27.88 7.42
C ILE B 44 -15.36 -27.69 5.98
N TRP B 45 -14.78 -28.76 5.41
CA TRP B 45 -14.27 -28.74 4.03
C TRP B 45 -15.31 -28.36 2.99
N THR B 46 -16.55 -28.79 3.21
CA THR B 46 -17.68 -28.43 2.36
C THR B 46 -17.79 -26.92 2.19
N VAL B 47 -17.60 -26.19 3.29
CA VAL B 47 -17.69 -24.74 3.23
C VAL B 47 -16.49 -24.16 2.48
N TYR B 48 -15.28 -24.56 2.86
CA TYR B 48 -14.03 -24.08 2.25
C TYR B 48 -13.92 -24.36 0.73
N SER B 49 -14.49 -25.47 0.29
CA SER B 49 -14.39 -25.87 -1.11
C SER B 49 -15.58 -25.39 -1.94
N TRP B 50 -16.55 -24.75 -1.29
CA TRP B 50 -17.78 -24.31 -1.94
C TRP B 50 -17.48 -23.15 -2.90
N PRO B 51 -17.80 -23.34 -4.21
CA PRO B 51 -17.55 -22.23 -5.16
C PRO B 51 -18.33 -20.95 -4.81
N GLY B 52 -19.47 -21.10 -4.14
CA GLY B 52 -20.27 -19.93 -3.75
C GLY B 52 -19.71 -19.16 -2.56
N LEU B 53 -18.59 -19.61 -2.01
CA LEU B 53 -18.03 -18.99 -0.81
C LEU B 53 -17.51 -17.57 -1.08
N ALA B 54 -16.90 -17.37 -2.24
CA ALA B 54 -16.30 -16.08 -2.59
C ALA B 54 -17.32 -14.96 -2.47
N LYS B 55 -18.48 -15.15 -3.10
CA LYS B 55 -19.53 -14.13 -3.10
C LYS B 55 -20.17 -13.93 -1.71
N HIS B 56 -19.84 -14.81 -0.77
CA HIS B 56 -20.38 -14.69 0.59
C HIS B 56 -19.34 -14.26 1.61
N LEU B 57 -18.14 -13.90 1.15
CA LEU B 57 -17.10 -13.41 2.06
C LEU B 57 -17.49 -12.18 2.90
N PRO B 58 -18.17 -11.17 2.29
CA PRO B 58 -18.71 -10.05 3.10
C PRO B 58 -19.74 -10.47 4.15
N ASP B 59 -20.51 -11.52 3.89
CA ASP B 59 -21.44 -12.06 4.89
C ASP B 59 -20.68 -12.77 5.99
N LEU B 60 -19.67 -13.53 5.59
CA LEU B 60 -18.86 -14.32 6.51
C LEU B 60 -17.98 -13.42 7.37
N LEU B 61 -17.51 -12.31 6.79
CA LEU B 61 -16.58 -11.42 7.46
C LEU B 61 -17.06 -9.96 7.40
N PRO B 62 -18.10 -9.61 8.19
CA PRO B 62 -18.70 -8.29 8.00
C PRO B 62 -17.72 -7.17 8.32
N GLY B 63 -17.66 -6.17 7.43
CA GLY B 63 -16.80 -5.01 7.63
C GLY B 63 -15.31 -5.22 7.39
N ALA B 64 -14.93 -6.42 6.94
CA ALA B 64 -13.54 -6.72 6.60
C ALA B 64 -13.10 -5.99 5.33
N PHE B 65 -13.97 -5.98 4.32
CA PHE B 65 -13.66 -5.38 3.03
C PHE B 65 -14.40 -4.09 2.80
N GLU B 66 -13.75 -3.15 2.15
CA GLU B 66 -14.42 -1.98 1.63
C GLU B 66 -15.04 -2.35 0.28
N LYS B 67 -14.28 -3.12 -0.49
CA LYS B 67 -14.70 -3.56 -1.81
C LYS B 67 -14.11 -4.95 -2.08
N LEU B 68 -14.94 -5.86 -2.60
CA LEU B 68 -14.47 -7.17 -3.04
C LEU B 68 -14.93 -7.46 -4.47
N GLU B 69 -13.98 -7.58 -5.39
CA GLU B 69 -14.34 -7.97 -6.73
C GLU B 69 -14.03 -9.45 -6.96
N ILE B 70 -15.03 -10.18 -7.43
CA ILE B 70 -14.89 -11.59 -7.79
C ILE B 70 -14.86 -11.75 -9.30
N ILE B 71 -13.75 -12.28 -9.79
CA ILE B 71 -13.56 -12.50 -11.21
C ILE B 71 -13.57 -14.01 -11.42
N GLY B 72 -14.71 -14.55 -11.85
CA GLY B 72 -14.87 -15.98 -12.08
C GLY B 72 -16.03 -16.58 -11.31
N ASP B 73 -16.18 -17.90 -11.42
CA ASP B 73 -17.33 -18.63 -10.85
C ASP B 73 -17.18 -19.01 -9.37
N GLY B 74 -16.03 -18.69 -8.78
CA GLY B 74 -15.78 -19.01 -7.37
C GLY B 74 -14.92 -20.26 -7.22
N GLY B 75 -14.75 -21.00 -8.31
CA GLY B 75 -13.93 -22.18 -8.29
C GLY B 75 -12.47 -21.89 -8.60
N VAL B 76 -11.70 -22.97 -8.74
CA VAL B 76 -10.30 -22.86 -9.04
C VAL B 76 -10.10 -22.01 -10.29
N GLY B 77 -9.15 -21.07 -10.24
CA GLY B 77 -8.94 -20.11 -11.33
C GLY B 77 -9.53 -18.73 -11.04
N THR B 78 -10.46 -18.65 -10.08
CA THR B 78 -11.06 -17.39 -9.66
C THR B 78 -10.02 -16.41 -9.09
N ILE B 79 -10.13 -15.13 -9.47
CA ILE B 79 -9.32 -14.08 -8.85
C ILE B 79 -10.21 -13.20 -7.96
N LEU B 80 -9.72 -12.88 -6.75
CA LEU B 80 -10.41 -11.93 -5.87
C LEU B 80 -9.55 -10.67 -5.75
N ASP B 81 -10.16 -9.52 -5.96
CA ASP B 81 -9.46 -8.27 -5.76
C ASP B 81 -10.10 -7.66 -4.52
N THR B 83 -10.16 -4.73 -1.56
CA THR B 83 -9.80 -3.37 -1.16
C THR B 83 -10.28 -3.15 0.28
N PHE B 84 -9.39 -2.63 1.13
CA PHE B 84 -9.70 -2.43 2.55
C PHE B 84 -9.91 -0.95 2.88
N VAL B 85 -10.49 -0.66 4.05
CA VAL B 85 -10.81 0.74 4.40
C VAL B 85 -9.55 1.56 4.62
N PRO B 86 -9.62 2.89 4.41
CA PRO B 86 -8.43 3.73 4.61
C PRO B 86 -7.83 3.53 6.00
N GLY B 87 -6.50 3.45 6.08
CA GLY B 87 -5.80 3.26 7.34
C GLY B 87 -5.22 1.86 7.47
N GLU B 88 -5.79 0.91 6.75
CA GLU B 88 -5.37 -0.49 6.86
C GLU B 88 -4.25 -0.78 5.87
N PHE B 89 -3.32 -1.65 6.29
CA PHE B 89 -2.33 -2.20 5.37
C PHE B 89 -2.62 -3.69 5.18
N PRO B 90 -2.23 -4.22 4.01
CA PRO B 90 -2.66 -3.96 2.65
C PRO B 90 -3.90 -3.08 2.48
N HIS B 91 -3.77 -2.09 1.59
CA HIS B 91 -4.94 -1.37 1.10
C HIS B 91 -5.68 -2.21 0.06
N GLU B 92 -4.92 -2.90 -0.80
CA GLU B 92 -5.48 -3.66 -1.91
C GLU B 92 -4.50 -4.72 -2.39
N TYR B 93 -5.04 -5.92 -2.66
CA TYR B 93 -4.30 -6.99 -3.34
C TYR B 93 -5.22 -7.95 -4.07
N LYS B 94 -4.64 -8.71 -5.01
CA LYS B 94 -5.37 -9.74 -5.74
C LYS B 94 -4.90 -11.10 -5.28
N GLU B 95 -5.86 -12.00 -5.13
CA GLU B 95 -5.63 -13.37 -4.73
C GLU B 95 -6.18 -14.29 -5.80
N LYS B 96 -5.50 -15.40 -6.05
CA LYS B 96 -5.97 -16.38 -7.04
C LYS B 96 -6.13 -17.76 -6.42
N PHE B 97 -7.29 -18.35 -6.67
CA PHE B 97 -7.64 -19.70 -6.23
C PHE B 97 -6.90 -20.70 -7.16
N ILE B 98 -5.80 -21.22 -6.67
CA ILE B 98 -4.85 -21.95 -7.54
C ILE B 98 -5.04 -23.47 -7.60
N LEU B 99 -5.45 -24.06 -6.48
CA LEU B 99 -5.49 -25.51 -6.35
C LEU B 99 -6.52 -25.95 -5.33
N VAL B 100 -7.30 -26.99 -5.68
CA VAL B 100 -8.16 -27.69 -4.72
C VAL B 100 -7.87 -29.20 -4.77
N ASP B 101 -7.62 -29.80 -3.61
CA ASP B 101 -7.47 -31.26 -3.46
C ASP B 101 -8.52 -31.76 -2.48
N ASN B 102 -9.64 -32.26 -3.00
CA ASN B 102 -10.75 -32.69 -2.15
C ASN B 102 -10.44 -33.90 -1.25
N GLU B 103 -9.66 -34.85 -1.79
CA GLU B 103 -9.30 -36.06 -1.05
C GLU B 103 -8.58 -35.68 0.24
N HIS B 104 -7.58 -34.82 0.11
CA HIS B 104 -6.78 -34.37 1.23
C HIS B 104 -7.37 -33.11 1.91
N ARG B 105 -8.48 -32.60 1.38
CA ARG B 105 -9.15 -31.41 1.94
C ARG B 105 -8.15 -30.25 2.05
N LEU B 106 -7.51 -29.94 0.92
CA LEU B 106 -6.44 -28.96 0.90
C LEU B 106 -6.72 -27.92 -0.19
N LYS B 107 -6.46 -26.64 0.14
CA LYS B 107 -6.77 -25.50 -0.74
C LYS B 107 -5.59 -24.54 -0.75
N LYS B 108 -5.18 -24.12 -1.94
CA LYS B 108 -4.10 -23.14 -2.08
C LYS B 108 -4.54 -21.85 -2.78
N VAL B 109 -4.16 -20.72 -2.18
CA VAL B 109 -4.58 -19.38 -2.65
C VAL B 109 -3.37 -18.46 -2.64
N GLN B 110 -2.96 -18.00 -3.82
CA GLN B 110 -1.76 -17.17 -3.96
C GLN B 110 -2.09 -15.68 -4.07
N ILE B 112 -1.25 -12.55 -5.89
CA ILE B 112 -0.66 -12.37 -7.22
C ILE B 112 -0.36 -10.93 -7.61
N GLU B 113 -0.94 -9.96 -6.90
CA GLU B 113 -0.73 -8.54 -7.17
C GLU B 113 -0.98 -7.67 -5.94
N GLY B 114 -0.14 -6.66 -5.73
CA GLY B 114 -0.34 -5.66 -4.67
C GLY B 114 0.02 -6.18 -3.31
N GLY B 115 -0.41 -5.48 -2.25
CA GLY B 115 -0.17 -5.93 -0.89
C GLY B 115 1.31 -6.09 -0.63
N TYR B 116 1.70 -7.19 0.00
CA TYR B 116 3.09 -7.43 0.40
C TYR B 116 4.06 -7.57 -0.76
N LEU B 117 3.53 -7.91 -1.95
CA LEU B 117 4.37 -7.98 -3.14
C LEU B 117 5.03 -6.65 -3.53
N ASP B 118 4.54 -5.54 -2.97
CA ASP B 118 5.14 -4.22 -3.21
C ASP B 118 6.20 -3.84 -2.13
N LEU B 119 6.44 -4.77 -1.20
CA LEU B 119 7.40 -4.58 -0.11
C LEU B 119 8.41 -5.73 -0.07
N GLY B 120 8.92 -6.07 -1.25
CA GLY B 120 10.02 -7.04 -1.39
C GLY B 120 9.65 -8.51 -1.28
N VAL B 121 8.34 -8.81 -1.27
CA VAL B 121 7.89 -10.19 -1.26
C VAL B 121 7.71 -10.65 -2.70
N THR B 122 8.31 -11.80 -3.03
CA THR B 122 8.37 -12.27 -4.40
C THR B 122 7.44 -13.44 -4.58
N TYR B 123 6.98 -13.98 -3.45
CA TYR B 123 6.12 -15.14 -3.46
C TYR B 123 5.27 -15.15 -2.20
N TYR B 124 3.96 -15.42 -2.34
CA TYR B 124 3.05 -15.39 -1.19
C TYR B 124 1.93 -16.41 -1.39
N ASP B 126 -1.05 -18.98 0.57
CA ASP B 126 -1.84 -19.52 1.66
C ASP B 126 -2.23 -20.95 1.36
N THR B 127 -2.14 -21.79 2.39
CA THR B 127 -2.57 -23.18 2.32
C THR B 127 -3.49 -23.45 3.48
N ILE B 128 -4.66 -24.03 3.19
CA ILE B 128 -5.60 -24.45 4.21
C ILE B 128 -5.75 -25.96 4.08
N HIS B 129 -5.70 -26.66 5.21
CA HIS B 129 -5.77 -28.12 5.24
C HIS B 129 -6.67 -28.53 6.39
N VAL B 130 -7.83 -29.07 6.07
CA VAL B 130 -8.78 -29.52 7.10
C VAL B 130 -8.51 -31.00 7.39
N VAL B 131 -7.99 -31.28 8.58
CA VAL B 131 -7.57 -32.62 8.99
C VAL B 131 -8.57 -33.21 9.99
N PRO B 132 -9.08 -34.45 9.73
CA PRO B 132 -10.00 -35.03 10.72
C PRO B 132 -9.27 -35.44 12.00
N THR B 133 -9.86 -35.15 13.15
CA THR B 133 -9.31 -35.66 14.41
C THR B 133 -10.08 -36.90 14.86
N GLY B 134 -11.35 -36.72 15.21
CA GLY B 134 -12.25 -37.83 15.49
C GLY B 134 -13.29 -37.97 14.38
N LYS B 135 -14.42 -38.59 14.71
CA LYS B 135 -15.51 -38.77 13.75
C LYS B 135 -16.28 -37.47 13.51
N ASP B 136 -16.48 -36.69 14.57
CA ASP B 136 -17.15 -35.40 14.47
C ASP B 136 -16.28 -34.23 14.96
N SER B 137 -14.97 -34.37 14.77
CA SER B 137 -14.03 -33.28 15.09
C SER B 137 -12.96 -33.17 14.01
N CYS B 138 -12.35 -31.98 13.91
CA CYS B 138 -11.25 -31.75 12.98
C CYS B 138 -10.37 -30.59 13.45
N VAL B 139 -9.22 -30.44 12.80
CA VAL B 139 -8.37 -29.27 13.00
C VAL B 139 -8.21 -28.57 11.63
N ILE B 140 -8.49 -27.26 11.61
CA ILE B 140 -8.19 -26.45 10.43
C ILE B 140 -6.76 -25.96 10.57
N LYS B 141 -5.89 -26.52 9.73
CA LYS B 141 -4.49 -26.13 9.69
C LYS B 141 -4.23 -25.18 8.52
N SER B 142 -4.02 -23.90 8.84
CA SER B 142 -3.81 -22.85 7.87
C SER B 142 -2.37 -22.38 7.97
N SER B 143 -1.76 -22.07 6.84
CA SER B 143 -0.40 -21.58 6.84
C SER B 143 -0.16 -20.63 5.66
N THR B 144 0.83 -19.77 5.81
CA THR B 144 1.22 -18.91 4.72
C THR B 144 2.72 -18.93 4.56
N GLU B 145 3.16 -19.24 3.36
CA GLU B 145 4.57 -19.19 3.01
C GLU B 145 4.84 -17.99 2.14
N TYR B 146 5.92 -17.29 2.46
CA TYR B 146 6.36 -16.20 1.63
C TYR B 146 7.88 -16.15 1.52
N HIS B 147 8.36 -15.56 0.43
CA HIS B 147 9.76 -15.37 0.17
C HIS B 147 10.01 -13.88 0.13
N VAL B 148 10.97 -13.41 0.93
CA VAL B 148 11.30 -11.99 1.05
C VAL B 148 12.75 -11.72 0.71
N LYS B 149 13.00 -10.59 0.08
CA LYS B 149 14.36 -10.07 -0.05
C LYS B 149 14.83 -9.64 1.34
N PRO B 150 16.09 -10.00 1.70
CA PRO B 150 16.65 -9.73 3.03
C PRO B 150 16.57 -8.26 3.46
N GLU B 151 16.67 -7.35 2.50
CA GLU B 151 16.48 -5.91 2.70
C GLU B 151 15.09 -5.53 3.25
N PHE B 152 14.13 -6.46 3.16
CA PHE B 152 12.73 -6.19 3.55
C PHE B 152 12.18 -7.08 4.68
N VAL B 153 12.94 -8.08 5.10
CA VAL B 153 12.44 -9.03 6.11
C VAL B 153 12.04 -8.34 7.42
N LYS B 154 12.77 -7.29 7.79
CA LYS B 154 12.49 -6.53 9.01
C LYS B 154 11.29 -5.60 8.83
N ILE B 155 11.02 -5.24 7.57
CA ILE B 155 9.91 -4.34 7.26
C ILE B 155 8.58 -5.12 7.23
N VAL B 156 8.58 -6.26 6.56
CA VAL B 156 7.36 -7.04 6.37
C VAL B 156 7.06 -8.07 7.45
N GLU B 157 8.11 -8.60 8.10
CA GLU B 157 7.96 -9.51 9.24
C GLU B 157 6.81 -9.10 10.16
N PRO B 158 6.82 -7.85 10.67
CA PRO B 158 5.75 -7.44 11.57
C PRO B 158 4.39 -7.27 10.90
N LEU B 159 4.38 -7.12 9.58
CA LEU B 159 3.12 -6.86 8.87
C LEU B 159 2.35 -8.13 8.52
N ILE B 160 3.07 -9.21 8.22
CA ILE B 160 2.45 -10.45 7.75
C ILE B 160 2.13 -11.37 8.92
N THR B 161 0.85 -11.67 9.10
CA THR B 161 0.37 -12.53 10.19
C THR B 161 -0.63 -13.52 9.62
N THR B 162 -1.06 -14.45 10.46
CA THR B 162 -2.08 -15.45 10.11
C THR B 162 -3.51 -14.90 10.23
N GLY B 163 -3.65 -13.61 10.56
CA GLY B 163 -4.95 -12.94 10.68
C GLY B 163 -6.04 -13.32 9.69
N PRO B 164 -5.80 -13.09 8.38
CA PRO B 164 -6.81 -13.43 7.36
C PRO B 164 -7.25 -14.89 7.41
N LEU B 165 -6.30 -15.81 7.55
CA LEU B 165 -6.63 -17.23 7.65
C LEU B 165 -7.37 -17.57 8.96
N ALA B 166 -6.97 -16.95 10.07
CA ALA B 166 -7.66 -17.13 11.36
C ALA B 166 -9.11 -16.65 11.31
N ALA B 167 -9.30 -15.46 10.74
CA ALA B 167 -10.64 -14.89 10.56
C ALA B 167 -11.54 -15.84 9.77
N ALA B 169 -11.11 -19.21 9.32
CA ALA B 169 -11.29 -20.38 10.18
C ALA B 169 -12.39 -20.15 11.24
N ASP B 170 -12.28 -19.05 11.98
CA ASP B 170 -13.27 -18.69 13.01
C ASP B 170 -14.69 -18.58 12.46
N ALA B 171 -14.84 -17.86 11.34
CA ALA B 171 -16.14 -17.62 10.73
C ALA B 171 -16.79 -18.88 10.15
N ILE B 172 -15.99 -19.72 9.51
CA ILE B 172 -16.50 -20.95 8.92
C ILE B 172 -16.92 -21.94 10.02
N SER B 173 -16.06 -22.13 11.02
CA SER B 173 -16.40 -23.01 12.15
C SER B 173 -17.67 -22.54 12.85
N LYS B 174 -17.81 -21.24 13.05
CA LYS B 174 -19.00 -20.68 13.70
C LYS B 174 -20.26 -20.90 12.88
N LEU B 175 -20.13 -20.79 11.56
CA LEU B 175 -21.22 -21.08 10.63
C LEU B 175 -21.65 -22.54 10.71
N VAL B 176 -20.68 -23.45 10.80
CA VAL B 176 -20.94 -24.89 10.81
C VAL B 176 -21.40 -25.38 12.19
N LEU B 177 -20.81 -24.85 13.26
CA LEU B 177 -21.17 -25.26 14.62
C LEU B 177 -22.60 -24.86 15.00
N GLU B 178 -22.96 -23.61 14.74
CA GLU B 178 -24.29 -23.10 15.07
C GLU B 178 -25.37 -23.65 14.12
N HIS B 179 -24.93 -24.27 13.03
CA HIS B 179 -25.81 -24.75 11.93
C HIS B 179 -26.60 -23.61 11.29
#